data_7HJQ
#
_entry.id   7HJQ
#
_cell.length_a   26.145
_cell.length_b   47.261
_cell.length_c   46.401
_cell.angle_alpha   90.000
_cell.angle_beta   103.140
_cell.angle_gamma   90.000
#
_symmetry.space_group_name_H-M   'P 1 21 1'
#
loop_
_entity.id
_entity.type
_entity.pdbx_description
1 polymer 'De novo designed ABLE protein'
2 non-polymer 6-fluoro-1,3-benzothiazol-2-amine
3 water water
#
_entity_poly.entity_id   1
_entity_poly.type   'polypeptide(L)'
_entity_poly.pdbx_seq_one_letter_code
;SVKSEYAEAAAVGQEAVAVFNTMKAAFQNGDKEAVAQYLARLASLYTRHEELLNRILEKARREGNKEAVTLMNEFTATFQ
TGKSIFNAMVAAFKNGDDDSFESYLQALEKVTAKGETLADQIAKAL
;
_entity_poly.pdbx_strand_id   A
#
# COMPACT_ATOMS: atom_id res chain seq x y z
N SER A 1 -8.74 17.10 11.66
CA SER A 1 -9.39 17.27 10.34
C SER A 1 -9.13 16.06 9.45
N VAL A 2 -9.83 16.03 8.32
CA VAL A 2 -9.58 14.96 7.35
C VAL A 2 -8.16 15.08 6.85
N LYS A 3 -7.62 16.30 6.80
N LYS A 3 -7.62 16.30 6.79
CA LYS A 3 -6.26 16.48 6.29
CA LYS A 3 -6.28 16.50 6.27
C LYS A 3 -5.23 15.91 7.25
C LYS A 3 -5.22 15.96 7.24
N SER A 4 -5.42 16.10 8.56
N SER A 4 -5.46 16.12 8.55
CA SER A 4 -4.52 15.49 9.53
CA SER A 4 -4.56 15.51 9.53
C SER A 4 -4.73 13.97 9.60
C SER A 4 -4.73 14.00 9.58
N GLU A 5 -5.94 13.50 9.33
CA GLU A 5 -6.14 12.08 9.25
C GLU A 5 -5.40 11.51 8.04
N TYR A 6 -5.32 12.25 6.95
CA TYR A 6 -4.57 11.75 5.79
C TYR A 6 -3.07 11.75 6.08
N ALA A 7 -2.59 12.75 6.81
N ALA A 7 -2.59 12.75 6.81
CA ALA A 7 -1.17 12.76 7.19
CA ALA A 7 -1.17 12.76 7.19
C ALA A 7 -0.83 11.55 8.07
C ALA A 7 -0.83 11.56 8.07
N GLU A 8 -1.74 11.16 8.95
CA GLU A 8 -1.54 9.97 9.75
C GLU A 8 -1.54 8.72 8.87
N ALA A 9 -2.48 8.66 7.93
CA ALA A 9 -2.51 7.56 6.98
C ALA A 9 -1.23 7.52 6.16
N ALA A 10 -0.75 8.69 5.72
CA ALA A 10 0.46 8.70 4.92
C ALA A 10 1.66 8.17 5.72
N ALA A 11 1.72 8.49 7.00
CA ALA A 11 2.85 8.00 7.79
C ALA A 11 2.80 6.49 7.92
N VAL A 12 1.62 5.93 8.17
CA VAL A 12 1.50 4.47 8.20
C VAL A 12 1.95 3.87 6.87
N GLY A 13 1.56 4.49 5.75
CA GLY A 13 2.06 4.02 4.47
C GLY A 13 3.58 4.03 4.36
N GLN A 14 4.22 5.11 4.85
CA GLN A 14 5.68 5.19 4.84
C GLN A 14 6.31 4.18 5.77
N GLU A 15 5.63 3.81 6.86
CA GLU A 15 6.14 2.74 7.72
C GLU A 15 6.19 1.42 6.97
N ALA A 16 5.16 1.15 6.16
CA ALA A 16 5.18 -0.07 5.36
C ALA A 16 6.29 -0.01 4.33
N VAL A 17 6.55 1.15 3.73
CA VAL A 17 7.68 1.24 2.78
C VAL A 17 8.97 0.89 3.49
N ALA A 18 9.14 1.42 4.69
CA ALA A 18 10.39 1.13 5.41
C ALA A 18 10.52 -0.35 5.69
N VAL A 19 9.48 -0.95 6.23
CA VAL A 19 9.55 -2.36 6.59
C VAL A 19 9.71 -3.22 5.34
N PHE A 20 9.04 -2.82 4.25
CA PHE A 20 9.17 -3.54 2.99
C PHE A 20 10.61 -3.58 2.51
N ASN A 21 11.30 -2.43 2.55
CA ASN A 21 12.68 -2.42 2.08
C ASN A 21 13.58 -3.28 2.96
N THR A 22 13.35 -3.25 4.27
N THR A 22 13.34 -3.27 4.28
CA THR A 22 14.07 -4.16 5.16
CA THR A 22 14.05 -4.16 5.18
C THR A 22 13.79 -5.60 4.79
C THR A 22 13.69 -5.62 4.92
N MET A 23 12.51 -5.92 4.53
N MET A 23 12.46 -5.87 4.49
CA MET A 23 12.13 -7.28 4.19
CA MET A 23 12.05 -7.23 4.13
C MET A 23 12.79 -7.72 2.89
C MET A 23 12.75 -7.68 2.84
N LYS A 24 12.86 -6.83 1.89
N LYS A 24 12.83 -6.79 1.85
CA LYS A 24 13.51 -7.15 0.63
CA LYS A 24 13.51 -7.13 0.61
C LYS A 24 14.97 -7.50 0.83
C LYS A 24 14.97 -7.52 0.86
N ALA A 25 15.67 -6.76 1.71
CA ALA A 25 17.05 -7.08 2.04
C ALA A 25 17.17 -8.46 2.67
N ALA A 26 16.30 -8.76 3.63
CA ALA A 26 16.30 -10.06 4.29
C ALA A 26 16.02 -11.19 3.30
N PHE A 27 15.08 -10.99 2.37
CA PHE A 27 14.81 -11.98 1.33
C PHE A 27 16.06 -12.24 0.51
N GLN A 28 16.70 -11.17 0.03
CA GLN A 28 17.89 -11.37 -0.80
C GLN A 28 18.96 -12.12 0.00
N ASN A 29 19.07 -11.87 1.30
CA ASN A 29 20.09 -12.54 2.11
C ASN A 29 19.69 -13.94 2.54
N GLY A 30 18.45 -14.35 2.28
CA GLY A 30 18.02 -15.69 2.63
C GLY A 30 17.63 -15.87 4.07
N ASP A 31 17.37 -14.78 4.79
CA ASP A 31 16.99 -14.82 6.21
C ASP A 31 15.47 -14.95 6.25
N LYS A 32 15.00 -16.21 6.10
N LYS A 32 15.00 -16.19 6.09
CA LYS A 32 13.57 -16.44 5.95
CA LYS A 32 13.57 -16.43 5.96
C LYS A 32 12.84 -16.22 7.27
C LYS A 32 12.84 -16.20 7.28
N GLU A 33 13.51 -16.42 8.40
N GLU A 33 13.51 -16.40 8.41
CA GLU A 33 12.86 -16.14 9.68
CA GLU A 33 12.87 -16.15 9.70
C GLU A 33 12.53 -14.66 9.81
C GLU A 33 12.56 -14.67 9.88
N ALA A 34 13.46 -13.81 9.40
CA ALA A 34 13.17 -12.38 9.40
C ALA A 34 12.06 -12.08 8.43
N VAL A 35 12.15 -12.64 7.23
CA VAL A 35 11.13 -12.32 6.22
C VAL A 35 9.74 -12.65 6.75
N ALA A 36 9.58 -13.83 7.36
CA ALA A 36 8.25 -14.17 7.90
C ALA A 36 7.73 -13.10 8.86
N GLN A 37 8.58 -12.63 9.76
CA GLN A 37 8.15 -11.63 10.72
C GLN A 37 7.82 -10.31 10.03
N TYR A 38 8.66 -9.88 9.09
CA TYR A 38 8.37 -8.64 8.36
C TYR A 38 7.07 -8.76 7.57
N LEU A 39 6.78 -9.93 6.99
CA LEU A 39 5.53 -10.09 6.25
C LEU A 39 4.31 -9.98 7.16
N ALA A 40 4.40 -10.53 8.38
CA ALA A 40 3.32 -10.34 9.35
C ALA A 40 3.15 -8.87 9.73
N ARG A 41 4.28 -8.18 9.93
CA ARG A 41 4.23 -6.75 10.27
C ARG A 41 3.63 -5.94 9.13
N LEU A 42 3.99 -6.26 7.89
N LEU A 42 4.04 -6.23 7.89
CA LEU A 42 3.40 -5.61 6.74
CA LEU A 42 3.52 -5.50 6.74
C LEU A 42 1.90 -5.89 6.63
C LEU A 42 2.02 -5.70 6.57
N ALA A 43 1.46 -7.11 6.97
N ALA A 43 1.54 -6.94 6.75
CA ALA A 43 0.02 -7.39 6.85
CA ALA A 43 0.09 -7.16 6.69
C ALA A 43 -0.77 -6.50 7.79
C ALA A 43 -0.61 -6.28 7.70
N SER A 44 -0.33 -6.41 9.04
N SER A 44 0.01 -6.04 8.85
CA SER A 44 -1.01 -5.55 10.00
CA SER A 44 -0.60 -5.20 9.86
C SER A 44 -1.00 -4.11 9.52
C SER A 44 -0.59 -3.72 9.44
N LEU A 45 0.13 -3.65 9.00
N LEU A 45 0.51 -3.27 8.81
CA LEU A 45 0.25 -2.27 8.55
CA LEU A 45 0.58 -1.87 8.37
C LEU A 45 -0.68 -1.99 7.37
C LEU A 45 -0.33 -1.62 7.18
N TYR A 46 -0.71 -2.88 6.36
N TYR A 46 -0.43 -2.60 6.28
CA TYR A 46 -1.63 -2.66 5.26
CA TYR A 46 -1.30 -2.44 5.13
C TYR A 46 -3.08 -2.72 5.74
C TYR A 46 -2.76 -2.47 5.53
N THR A 47 -3.39 -3.62 6.68
N THR A 47 -3.13 -3.36 6.46
CA THR A 47 -4.76 -3.64 7.21
CA THR A 47 -4.52 -3.41 6.92
C THR A 47 -5.13 -2.29 7.83
C THR A 47 -4.90 -2.11 7.64
N ARG A 48 -4.20 -1.69 8.57
N ARG A 48 -3.97 -1.57 8.44
CA ARG A 48 -4.46 -0.38 9.19
CA ARG A 48 -4.24 -0.31 9.13
C ARG A 48 -4.60 0.70 8.13
C ARG A 48 -4.28 0.87 8.18
N HIS A 49 -3.64 0.78 7.21
N HIS A 49 -3.49 0.83 7.11
CA HIS A 49 -3.66 1.80 6.16
CA HIS A 49 -3.61 1.85 6.07
C HIS A 49 -4.97 1.76 5.39
C HIS A 49 -4.96 1.73 5.37
N GLU A 50 -5.37 0.57 4.92
N GLU A 50 -5.40 0.50 5.09
CA GLU A 50 -6.59 0.42 4.15
CA GLU A 50 -6.70 0.30 4.46
C GLU A 50 -7.80 0.98 4.91
C GLU A 50 -7.84 0.84 5.34
N GLU A 51 -7.90 0.66 6.20
N GLU A 51 -7.67 0.79 6.66
CA GLU A 51 -9.04 1.13 6.99
CA GLU A 51 -8.73 1.28 7.54
C GLU A 51 -9.03 2.65 7.12
C GLU A 51 -8.77 2.81 7.55
N LEU A 52 -7.86 3.23 7.39
N LEU A 52 -7.62 3.47 7.53
CA LEU A 52 -7.74 4.68 7.48
CA LEU A 52 -7.59 4.92 7.52
C LEU A 52 -8.13 5.34 6.16
C LEU A 52 -7.99 5.49 6.18
N LEU A 53 -7.66 4.80 5.04
N LEU A 53 -7.65 4.80 5.09
CA LEU A 53 -8.04 5.32 3.74
CA LEU A 53 -8.00 5.28 3.76
C LEU A 53 -9.53 5.26 3.55
C LEU A 53 -9.50 5.24 3.53
N ASN A 54 -10.17 4.21 4.06
CA ASN A 54 -11.60 4.08 3.85
C ASN A 54 -12.33 5.15 4.64
N ARG A 55 -11.88 5.41 5.85
CA ARG A 55 -12.52 6.44 6.66
C ARG A 55 -12.35 7.82 6.03
N ILE A 56 -11.20 8.06 5.44
CA ILE A 56 -10.94 9.33 4.76
C ILE A 56 -11.85 9.48 3.55
N LEU A 57 -11.99 8.42 2.76
CA LEU A 57 -12.86 8.48 1.59
C LEU A 57 -14.30 8.68 2.01
N GLU A 58 -14.75 7.91 2.99
CA GLU A 58 -16.12 8.11 3.48
C GLU A 58 -16.35 9.52 3.98
N LYS A 59 -15.35 10.12 4.65
CA LYS A 59 -15.53 11.48 5.18
C LYS A 59 -15.56 12.50 4.05
N ALA A 60 -14.69 12.33 3.07
CA ALA A 60 -14.73 13.19 1.88
C ALA A 60 -16.09 13.12 1.19
N ARG A 61 -16.70 11.93 1.14
CA ARG A 61 -18.03 11.79 0.54
C ARG A 61 -19.07 12.55 1.35
N ARG A 62 -19.00 12.43 2.67
CA ARG A 62 -19.99 13.10 3.53
C ARG A 62 -19.83 14.62 3.45
N GLU A 63 -18.61 15.09 3.22
CA GLU A 63 -18.28 16.50 3.07
C GLU A 63 -18.62 17.03 1.70
N GLY A 64 -18.95 16.17 0.75
CA GLY A 64 -19.23 16.58 -0.63
C GLY A 64 -18.01 17.05 -1.40
N ASN A 65 -16.83 16.55 -1.06
CA ASN A 65 -15.59 17.05 -1.68
C ASN A 65 -15.34 16.21 -2.91
N LYS A 66 -16.02 16.59 -4.00
N LYS A 66 -16.01 16.60 -4.00
CA LYS A 66 -16.06 15.72 -5.17
CA LYS A 66 -16.04 15.74 -5.19
C LYS A 66 -14.67 15.39 -5.70
C LYS A 66 -14.64 15.41 -5.68
N GLU A 67 -13.79 16.40 -5.80
N GLU A 67 -13.77 16.41 -5.78
CA GLU A 67 -12.47 16.09 -6.33
CA GLU A 67 -12.44 16.13 -6.33
C GLU A 67 -11.74 15.11 -5.44
C GLU A 67 -11.67 15.18 -5.45
N ALA A 68 -11.77 15.33 -4.13
CA ALA A 68 -11.07 14.39 -3.24
C ALA A 68 -11.67 12.99 -3.33
N VAL A 69 -12.98 12.87 -3.51
CA VAL A 69 -13.61 11.57 -3.67
C VAL A 69 -13.12 10.89 -4.94
N THR A 70 -13.08 11.62 -6.06
CA THR A 70 -12.58 11.04 -7.32
C THR A 70 -11.18 10.48 -7.13
N LEU A 71 -10.28 11.30 -6.58
CA LEU A 71 -8.89 10.91 -6.42
C LEU A 71 -8.74 9.73 -5.47
N MET A 72 -9.48 9.76 -4.36
CA MET A 72 -9.45 8.66 -3.40
C MET A 72 -10.07 7.38 -3.96
N ASN A 73 -11.15 7.48 -4.75
N ASN A 73 -11.09 7.48 -4.81
CA ASN A 73 -11.66 6.30 -5.43
CA ASN A 73 -11.56 6.29 -5.50
C ASN A 73 -10.59 5.67 -6.31
C ASN A 73 -10.48 5.70 -6.41
N GLU A 74 -9.87 6.49 -7.09
N GLU A 74 -9.78 6.55 -7.17
CA GLU A 74 -8.79 5.93 -7.90
CA GLU A 74 -8.68 6.04 -7.97
C GLU A 74 -7.71 5.34 -7.01
C GLU A 74 -7.59 5.42 -7.12
N PHE A 75 -7.33 6.05 -5.96
N PHE A 75 -7.30 6.04 -5.97
CA PHE A 75 -6.19 5.63 -5.14
CA PHE A 75 -6.20 5.56 -5.12
C PHE A 75 -6.51 4.34 -4.38
C PHE A 75 -6.57 4.26 -4.43
N THR A 76 -7.73 4.21 -3.87
N THR A 76 -7.79 4.15 -3.91
CA THR A 76 -8.09 2.96 -3.19
CA THR A 76 -8.22 2.92 -3.24
C THR A 76 -8.11 1.79 -4.17
C THR A 76 -8.44 1.78 -4.23
N ALA A 77 -8.57 2.02 -5.41
N ALA A 77 -8.66 2.06 -5.51
CA ALA A 77 -8.50 0.98 -6.42
CA ALA A 77 -8.67 1.00 -6.50
C ALA A 77 -7.05 0.51 -6.61
C ALA A 77 -7.30 0.36 -6.59
N THR A 78 -6.12 1.45 -6.70
N THR A 78 -6.26 1.18 -6.76
CA THR A 78 -4.72 1.11 -6.84
CA THR A 78 -4.91 0.67 -6.86
C THR A 78 -4.20 0.41 -5.60
C THR A 78 -4.47 0.00 -5.56
N PHE A 79 -4.59 0.87 -4.41
N PHE A 79 -5.03 0.42 -4.42
CA PHE A 79 -4.20 0.19 -3.19
CA PHE A 79 -4.72 -0.24 -3.15
C PHE A 79 -4.59 -1.28 -3.23
C PHE A 79 -5.13 -1.70 -3.17
N GLN A 80 -5.79 -1.58 -3.74
N GLN A 80 -6.27 -2.00 -3.82
CA GLN A 80 -6.21 -2.99 -3.82
CA GLN A 80 -6.76 -3.37 -3.87
C GLN A 80 -5.36 -3.79 -4.82
C GLN A 80 -5.87 -4.24 -4.75
N THR A 81 -4.88 -3.14 -5.89
N THR A 81 -5.24 -3.64 -5.76
CA THR A 81 -3.90 -3.80 -6.77
CA THR A 81 -4.24 -4.36 -6.56
C THR A 81 -2.66 -4.18 -5.98
C THR A 81 -3.05 -4.74 -5.70
N GLY A 82 -2.17 -3.25 -5.16
N GLY A 82 -2.52 -3.78 -4.94
CA GLY A 82 -1.02 -3.56 -4.32
CA GLY A 82 -1.45 -4.09 -4.01
C GLY A 82 -1.31 -4.67 -3.34
C GLY A 82 -1.82 -5.23 -3.08
N LYS A 83 -2.49 -4.64 -2.72
N LYS A 83 -3.04 -5.17 -2.52
CA LYS A 83 -2.87 -5.64 -1.74
CA LYS A 83 -3.52 -6.23 -1.66
C LYS A 83 -2.91 -7.04 -2.35
C LYS A 83 -3.47 -7.58 -2.37
N SER A 84 -3.53 -7.19 -3.53
N SER A 84 -3.97 -7.65 -3.61
CA SER A 84 -3.56 -8.50 -4.17
CA SER A 84 -4.01 -8.92 -4.31
C SER A 84 -2.16 -8.99 -4.49
C SER A 84 -2.60 -9.45 -4.54
N ILE A 85 -1.28 -8.11 -4.94
N ILE A 85 -1.71 -8.59 -5.06
CA ILE A 85 0.09 -8.51 -5.25
CA ILE A 85 -0.33 -9.02 -5.30
C ILE A 85 0.83 -8.89 -3.97
C ILE A 85 0.35 -9.35 -3.97
N PHE A 86 0.60 -8.15 -2.88
N PHE A 86 0.09 -8.56 -2.93
CA PHE A 86 1.21 -8.51 -1.61
CA PHE A 86 0.68 -8.83 -1.63
C PHE A 86 0.77 -9.88 -1.15
C PHE A 86 0.27 -10.20 -1.11
N ASN A 87 -0.53 -10.15 -1.18
N ASN A 87 -1.00 -10.55 -1.23
CA ASN A 87 -1.00 -11.45 -0.74
CA ASN A 87 -1.44 -11.85 -0.74
C ASN A 87 -0.41 -12.56 -1.59
C ASN A 87 -0.88 -12.98 -1.58
N ALA A 88 -0.31 -12.35 -2.90
N ALA A 88 -0.61 -12.74 -2.87
CA ALA A 88 0.34 -13.35 -3.76
CA ALA A 88 0.09 -13.73 -3.66
C ALA A 88 1.80 -13.55 -3.37
C ALA A 88 1.56 -13.86 -3.24
N MET A 89 2.46 -12.50 -2.91
N MET A 89 2.20 -12.74 -2.94
CA MET A 89 3.81 -12.62 -2.40
CA MET A 89 3.59 -12.76 -2.52
C MET A 89 3.86 -13.49 -1.16
C MET A 89 3.76 -13.56 -1.23
N VAL A 90 2.90 -13.30 -0.25
CA VAL A 90 2.88 -14.07 0.99
C VAL A 90 2.67 -15.55 0.67
N ALA A 91 1.79 -15.85 -0.29
CA ALA A 91 1.58 -17.24 -0.67
C ALA A 91 2.83 -17.84 -1.30
N ALA A 92 3.51 -17.06 -2.13
CA ALA A 92 4.76 -17.54 -2.72
C ALA A 92 5.79 -17.84 -1.65
N PHE A 93 5.82 -17.04 -0.60
CA PHE A 93 6.75 -17.33 0.50
C PHE A 93 6.38 -18.63 1.20
N LYS A 94 5.11 -18.80 1.52
N LYS A 94 5.11 -18.80 1.53
CA LYS A 94 4.63 -20.04 2.14
CA LYS A 94 4.63 -20.04 2.15
C LYS A 94 4.97 -21.24 1.30
C LYS A 94 4.98 -21.25 1.30
N ASN A 95 4.86 -21.12 -0.02
CA ASN A 95 5.09 -22.22 -0.95
C ASN A 95 6.57 -22.45 -1.26
N GLY A 96 7.46 -21.59 -0.79
CA GLY A 96 8.87 -21.68 -1.16
C GLY A 96 9.19 -21.33 -2.60
N ASP A 97 8.37 -20.52 -3.25
CA ASP A 97 8.58 -20.19 -4.67
C ASP A 97 9.27 -18.83 -4.73
N ASP A 98 10.60 -18.84 -4.73
CA ASP A 98 11.34 -17.60 -4.69
C ASP A 98 11.24 -16.86 -6.02
N ASP A 99 11.04 -17.58 -7.13
CA ASP A 99 10.87 -16.92 -8.42
C ASP A 99 9.62 -16.06 -8.41
N SER A 100 8.50 -16.61 -7.95
CA SER A 100 7.29 -15.81 -7.85
C SER A 100 7.44 -14.71 -6.82
N PHE A 101 8.11 -14.98 -5.70
CA PHE A 101 8.27 -13.95 -4.69
C PHE A 101 9.00 -12.74 -5.26
N GLU A 102 10.10 -12.97 -5.97
CA GLU A 102 10.84 -11.90 -6.62
C GLU A 102 9.95 -11.12 -7.57
N SER A 103 9.16 -11.83 -8.40
N SER A 103 9.16 -11.82 -8.39
CA SER A 103 8.29 -11.18 -9.36
CA SER A 103 8.26 -11.17 -9.33
C SER A 103 7.29 -10.26 -8.67
C SER A 103 7.27 -10.26 -8.60
N TYR A 104 6.49 -10.85 -7.77
N TYR A 104 6.54 -10.83 -7.64
CA TYR A 104 5.48 -10.06 -7.08
CA TYR A 104 5.57 -10.03 -6.89
C TYR A 104 6.11 -8.86 -6.35
C TYR A 104 6.24 -8.91 -6.11
N LEU A 105 7.29 -9.04 -5.77
N LEU A 105 7.46 -9.12 -5.65
CA LEU A 105 7.93 -7.96 -5.03
CA LEU A 105 8.19 -8.07 -4.95
C LEU A 105 8.22 -6.76 -5.94
C LEU A 105 8.43 -6.87 -5.86
N GLN A 106 8.81 -7.04 -7.12
N GLN A 106 8.84 -7.13 -7.10
CA GLN A 106 9.08 -5.98 -8.08
CA GLN A 106 9.03 -6.06 -8.07
C GLN A 106 7.78 -5.32 -8.55
C GLN A 106 7.70 -5.39 -8.41
N ALA A 107 6.73 -6.12 -8.77
N ALA A 107 6.61 -6.16 -8.46
CA ALA A 107 5.46 -5.57 -9.21
CA ALA A 107 5.31 -5.60 -8.83
C ALA A 107 4.84 -4.69 -8.14
C ALA A 107 4.87 -4.58 -7.78
N LEU A 108 4.98 -5.08 -6.87
N LEU A 108 4.96 -4.95 -6.49
CA LEU A 108 4.47 -4.26 -5.79
CA LEU A 108 4.53 -4.04 -5.45
C LEU A 108 5.21 -2.94 -5.74
C LEU A 108 5.35 -2.75 -5.44
N GLU A 109 6.54 -2.97 -5.94
N GLU A 109 6.60 -2.82 -5.91
CA GLU A 109 7.33 -1.75 -5.98
CA GLU A 109 7.41 -1.61 -6.02
C GLU A 109 6.83 -0.81 -7.07
C GLU A 109 6.91 -0.68 -7.10
N LYS A 110 6.55 -1.34 -8.27
N LYS A 110 6.30 -1.23 -8.16
CA LYS A 110 6.15 -0.49 -9.38
CA LYS A 110 5.69 -0.38 -9.17
C LYS A 110 4.73 0.05 -9.16
C LYS A 110 4.38 0.22 -8.66
N VAL A 111 3.84 -0.79 -8.63
N VAL A 111 3.58 -0.57 -7.93
CA VAL A 111 2.49 -0.33 -8.32
CA VAL A 111 2.33 -0.06 -7.40
C VAL A 111 2.54 0.79 -7.28
C VAL A 111 2.58 1.16 -6.52
N THR A 112 3.49 0.69 -6.34
N THR A 112 3.58 1.07 -5.64
CA THR A 112 3.60 1.69 -5.28
CA THR A 112 3.92 2.19 -4.78
C THR A 112 4.18 2.98 -5.83
C THR A 112 4.45 3.36 -5.59
N ALA A 113 5.24 2.88 -6.64
N ALA A 113 5.35 3.08 -6.54
CA ALA A 113 5.87 4.08 -7.18
CA ALA A 113 5.97 4.16 -7.30
C ALA A 113 4.91 4.83 -8.09
C ALA A 113 4.95 4.89 -8.15
N LYS A 114 4.11 4.10 -8.88
N LYS A 114 4.07 4.15 -8.84
CA LYS A 114 3.18 4.75 -9.78
CA LYS A 114 3.13 4.79 -9.75
C LYS A 114 2.15 5.57 -9.02
C LYS A 114 2.09 5.61 -8.99
N GLY A 115 1.59 4.99 -7.96
N GLY A 115 1.60 5.08 -7.87
CA GLY A 115 0.54 5.65 -7.22
CA GLY A 115 0.55 5.76 -7.13
C GLY A 115 1.05 6.67 -6.22
C GLY A 115 0.99 6.95 -6.31
N GLU A 116 2.18 7.32 -6.52
N GLU A 116 2.25 7.35 -6.38
CA GLU A 116 2.70 8.33 -5.61
CA GLU A 116 2.73 8.39 -5.48
C GLU A 116 2.30 9.74 -5.98
C GLU A 116 2.27 9.78 -5.90
N THR A 117 2.24 10.06 -7.27
N THR A 117 2.21 10.06 -7.18
CA THR A 117 1.77 11.40 -7.64
CA THR A 117 1.72 11.36 -7.61
C THR A 117 0.32 11.59 -7.21
C THR A 117 0.25 11.53 -7.23
N LEU A 118 -0.50 10.55 -7.32
N LEU A 118 -0.52 10.44 -7.29
CA LEU A 118 -1.88 10.61 -6.84
CA LEU A 118 -1.91 10.50 -6.83
C LEU A 118 -1.91 10.81 -5.33
C LEU A 118 -1.99 10.72 -5.33
N ALA A 119 -1.05 10.09 -4.59
N ALA A 119 -1.13 10.04 -4.57
CA ALA A 119 -1.01 10.25 -3.14
CA ALA A 119 -1.12 10.23 -3.12
C ALA A 119 -0.78 11.70 -2.76
C ALA A 119 -0.82 11.69 -2.76
N ASP A 120 0.13 12.38 -3.45
N ASP A 120 0.07 12.33 -3.50
CA ASP A 120 0.36 13.78 -3.16
CA ASP A 120 0.36 13.74 -3.25
C ASP A 120 -0.84 14.63 -3.55
C ASP A 120 -0.81 14.63 -3.65
N GLN A 121 -1.46 14.34 -4.69
N GLN A 121 -1.48 14.30 -4.76
CA GLN A 121 -2.64 15.12 -5.11
CA GLN A 121 -2.67 15.07 -5.16
C GLN A 121 -3.76 15.05 -4.09
C GLN A 121 -3.72 15.06 -4.07
N ILE A 122 -3.92 13.90 -3.44
CA ILE A 122 -4.97 13.77 -2.43
C ILE A 122 -4.69 14.68 -1.25
N ALA A 123 -3.44 14.73 -0.80
CA ALA A 123 -3.12 15.64 0.30
C ALA A 123 -3.58 17.06 -0.01
N LYS A 124 -3.40 17.49 -1.25
N LYS A 124 -3.39 17.50 -1.25
CA LYS A 124 -3.73 18.86 -1.60
CA LYS A 124 -3.73 18.86 -1.63
C LYS A 124 -5.23 19.05 -1.76
C LYS A 124 -5.22 19.04 -1.85
N ALA A 125 -5.97 18.00 -2.14
N ALA A 125 -5.95 17.98 -2.15
CA ALA A 125 -7.39 18.16 -2.43
CA ALA A 125 -7.38 18.11 -2.46
C ALA A 125 -8.27 18.10 -1.19
C ALA A 125 -8.25 18.11 -1.21
N LEU A 126 -7.81 17.49 -0.11
N LEU A 126 -7.79 17.48 -0.13
CA LEU A 126 -8.68 17.24 1.04
CA LEU A 126 -8.61 17.34 1.08
C LEU A 126 -9.11 18.48 1.80
C LEU A 126 -8.75 18.66 1.83
#